data_6EJM
#
_entry.id   6EJM
#
_cell.length_a   73.351
_cell.length_b   100.502
_cell.length_c   116.666
_cell.angle_alpha   90.00
_cell.angle_beta   90.00
_cell.angle_gamma   90.00
#
_symmetry.space_group_name_H-M   'P 21 21 21'
#
loop_
_entity.id
_entity.type
_entity.pdbx_description
1 polymer 'CD81 antigen'
2 polymer 'SINGLE CHAIN FV FRAGMENT'
3 water water
#
loop_
_entity_poly.entity_id
_entity_poly.type
_entity_poly.pdbx_seq_one_letter_code
_entity_poly.pdbx_strand_id
1 'polypeptide(L)'
;GSGFVNKDQIAKDVKQFYDQALQQAVVDDDANNAKAVVKTFHETLDCCGSSTLTALTTSVLKNNLCPSGSNIISNLFKED
CHQKIDDLFSGKLHHHHHH
;
A,B
2 'polypeptide(L)'
;AEVMLVESGGGFVKPGGSLKLSCAASGFTFRSYIMSWVRQTPEKRLEWVATISGGGGNTYYPDSVKGRFTISRDNAKNTL
YLQLSSLRSEDTALYYCASLTAVGDYWGQGTSVTVSSGGGGSGGGGSGGGGSGGGGSDVVMTQTPLTLSVTIGQPASISC
KSSQSLFDTDGKTYLTWLLQRPGQSPKRLIYLVSKLASGVPDRFTGSGSGTDFTLKISRVEAEDLGVYYCLQGTHFPLTF
GAGTKLDLK
;
H,I
#
# COMPACT_ATOMS: atom_id res chain seq x y z
N PHE A 4 -19.30 -22.88 -18.57
CA PHE A 4 -19.30 -21.53 -17.93
C PHE A 4 -19.43 -21.67 -16.40
N VAL A 5 -18.82 -20.75 -15.67
CA VAL A 5 -18.93 -20.77 -14.22
C VAL A 5 -19.61 -19.47 -13.84
N ASN A 6 -20.61 -19.63 -12.97
CA ASN A 6 -21.52 -18.57 -12.66
C ASN A 6 -20.98 -17.77 -11.45
N LYS A 7 -21.09 -16.44 -11.52
CA LYS A 7 -20.68 -15.53 -10.43
C LYS A 7 -21.18 -15.93 -9.07
N ASP A 8 -22.48 -16.19 -8.97
CA ASP A 8 -23.12 -16.44 -7.67
C ASP A 8 -22.74 -17.79 -7.14
N GLN A 9 -22.63 -18.77 -7.99
CA GLN A 9 -22.18 -20.06 -7.52
C GLN A 9 -20.77 -19.98 -6.90
N ILE A 10 -19.81 -19.27 -7.54
CA ILE A 10 -18.42 -19.28 -6.97
C ILE A 10 -18.35 -18.40 -5.77
N ALA A 11 -19.01 -17.23 -5.81
CA ALA A 11 -19.08 -16.39 -4.61
C ALA A 11 -19.57 -17.18 -3.41
N LYS A 12 -20.68 -17.90 -3.61
CA LYS A 12 -21.21 -18.74 -2.54
C LYS A 12 -20.18 -19.77 -2.10
N ASP A 13 -19.59 -20.49 -3.05
CA ASP A 13 -18.54 -21.46 -2.67
C ASP A 13 -17.35 -20.84 -1.97
N VAL A 14 -16.98 -19.63 -2.39
CA VAL A 14 -15.88 -18.94 -1.70
C VAL A 14 -16.20 -18.54 -0.25
N LYS A 15 -17.40 -18.01 -0.01
CA LYS A 15 -17.81 -17.70 1.39
C LYS A 15 -17.85 -18.99 2.29
N GLN A 16 -18.28 -20.12 1.70
CA GLN A 16 -18.37 -21.39 2.43
C GLN A 16 -16.96 -21.82 2.80
N PHE A 17 -16.06 -21.82 1.82
CA PHE A 17 -14.65 -22.13 2.07
C PHE A 17 -14.08 -21.33 3.20
N TYR A 18 -14.28 -20.02 3.10
CA TYR A 18 -13.84 -19.13 4.12
C TYR A 18 -14.55 -19.43 5.50
N ASP A 19 -15.87 -19.63 5.51
CA ASP A 19 -16.57 -19.88 6.82
C ASP A 19 -16.06 -21.15 7.47
N GLN A 20 -15.82 -22.16 6.63
CA GLN A 20 -15.20 -23.41 7.11
C GLN A 20 -13.87 -23.22 7.81
N ALA A 21 -12.98 -22.42 7.21
CA ALA A 21 -11.65 -22.20 7.78
C ALA A 21 -11.71 -21.37 9.04
N LEU A 22 -12.70 -20.48 9.09
CA LEU A 22 -12.95 -19.69 10.28
C LEU A 22 -13.36 -20.59 11.48
N GLN A 23 -14.32 -21.49 11.26
CA GLN A 23 -14.67 -22.52 12.26
C GLN A 23 -13.43 -23.29 12.74
N GLN A 24 -12.85 -24.10 11.84
CA GLN A 24 -11.66 -24.90 12.13
C GLN A 24 -10.56 -24.12 12.85
N ALA A 25 -10.35 -22.85 12.49
CA ALA A 25 -9.31 -22.04 13.11
C ALA A 25 -9.53 -21.85 14.59
N VAL A 26 -10.79 -21.74 15.01
CA VAL A 26 -11.11 -21.38 16.41
C VAL A 26 -11.18 -22.57 17.38
N VAL A 27 -10.85 -23.78 16.90
CA VAL A 27 -10.79 -24.96 17.77
C VAL A 27 -9.36 -25.43 18.18
N ASP A 28 -8.34 -24.58 17.96
CA ASP A 28 -6.96 -24.93 18.39
C ASP A 28 -6.21 -23.79 19.08
N ALA A 31 -4.67 -27.72 13.58
CA ALA A 31 -5.30 -26.94 12.51
C ALA A 31 -4.66 -25.53 12.31
N ASN A 32 -3.35 -25.52 12.04
CA ASN A 32 -2.57 -24.29 11.92
C ASN A 32 -2.74 -23.67 10.53
N ASN A 33 -3.35 -24.47 9.65
CA ASN A 33 -3.55 -24.13 8.24
C ASN A 33 -4.83 -23.32 7.97
N ALA A 34 -5.93 -23.71 8.63
CA ALA A 34 -7.12 -22.88 8.79
C ALA A 34 -6.72 -21.43 9.17
N LYS A 35 -5.84 -21.30 10.15
CA LYS A 35 -5.43 -19.98 10.62
C LYS A 35 -4.72 -19.18 9.58
N ALA A 36 -3.91 -19.89 8.79
CA ALA A 36 -3.18 -19.30 7.65
C ALA A 36 -4.17 -18.87 6.56
N VAL A 37 -5.20 -19.67 6.32
CA VAL A 37 -6.21 -19.32 5.31
C VAL A 37 -7.00 -18.07 5.74
N VAL A 38 -7.37 -18.03 7.01
CA VAL A 38 -8.04 -16.89 7.61
C VAL A 38 -7.20 -15.63 7.54
N LYS A 39 -5.96 -15.68 8.03
CA LYS A 39 -5.06 -14.55 7.89
C LYS A 39 -4.86 -14.09 6.47
N THR A 40 -4.80 -15.02 5.52
CA THR A 40 -4.64 -14.70 4.11
C THR A 40 -5.86 -13.94 3.58
N PHE A 41 -7.05 -14.46 3.91
CA PHE A 41 -8.27 -13.85 3.46
C PHE A 41 -8.41 -12.47 4.07
N HIS A 42 -8.14 -12.35 5.34
CA HIS A 42 -8.26 -11.08 6.02
C HIS A 42 -7.26 -10.04 5.55
N GLU A 43 -6.05 -10.47 5.19
CA GLU A 43 -5.13 -9.47 4.71
C GLU A 43 -5.38 -9.13 3.25
N THR A 44 -5.58 -10.14 2.43
CA THR A 44 -5.70 -9.89 0.98
C THR A 44 -6.99 -9.19 0.65
N LEU A 45 -8.06 -9.51 1.39
CA LEU A 45 -9.37 -8.90 1.12
C LEU A 45 -9.61 -7.70 2.03
N ASP A 46 -8.70 -7.43 2.97
CA ASP A 46 -8.86 -6.28 3.88
C ASP A 46 -10.19 -6.41 4.61
N CYS A 47 -10.35 -7.52 5.33
CA CYS A 47 -11.59 -7.76 6.04
C CYS A 47 -11.33 -8.57 7.34
N CYS A 48 -12.38 -8.73 8.14
CA CYS A 48 -12.26 -9.41 9.42
C CYS A 48 -13.60 -9.97 9.80
N GLY A 49 -13.73 -11.29 9.67
CA GLY A 49 -14.97 -11.97 10.03
C GLY A 49 -16.10 -11.70 9.08
N SER A 50 -17.31 -12.08 9.49
CA SER A 50 -18.53 -11.65 8.83
C SER A 50 -19.64 -11.33 9.82
N SER A 51 -20.41 -10.26 9.56
CA SER A 51 -21.67 -9.96 10.27
C SER A 51 -22.73 -11.11 10.26
N THR A 52 -22.88 -11.80 9.12
CA THR A 52 -23.67 -13.05 9.03
C THR A 52 -23.22 -14.19 9.98
N LEU A 53 -22.02 -14.10 10.52
CA LEU A 53 -21.44 -15.17 11.32
C LEU A 53 -21.18 -14.68 12.72
N THR A 54 -22.23 -14.39 13.48
CA THR A 54 -22.03 -13.74 14.79
C THR A 54 -21.10 -14.52 15.74
N ALA A 55 -21.38 -15.82 15.90
CA ALA A 55 -20.71 -16.69 16.89
C ALA A 55 -19.24 -16.90 16.54
N LEU A 56 -19.01 -17.03 15.24
CA LEU A 56 -17.67 -17.21 14.68
C LEU A 56 -16.85 -15.92 14.62
N THR A 57 -17.51 -14.81 14.25
CA THR A 57 -16.85 -13.50 14.17
C THR A 57 -16.33 -13.03 15.54
N THR A 58 -17.12 -13.25 16.61
CA THR A 58 -16.72 -12.86 17.99
C THR A 58 -15.62 -13.74 18.62
N SER A 59 -15.63 -15.05 18.29
CA SER A 59 -14.53 -15.98 18.64
C SER A 59 -13.19 -15.58 18.00
N VAL A 60 -13.30 -14.92 16.85
CA VAL A 60 -12.18 -14.63 15.91
C VAL A 60 -11.33 -13.37 16.16
N LEU A 61 -12.00 -12.25 16.43
CA LEU A 61 -11.37 -11.02 16.87
C LEU A 61 -10.54 -11.37 18.11
N LYS A 62 -11.23 -12.07 19.01
CA LYS A 62 -10.72 -12.61 20.27
C LYS A 62 -9.42 -13.40 20.07
N ASN A 63 -9.30 -14.07 18.92
CA ASN A 63 -8.09 -14.84 18.55
C ASN A 63 -6.93 -14.02 17.93
N ASN A 64 -7.14 -12.71 17.79
CA ASN A 64 -6.18 -11.76 17.12
C ASN A 64 -5.69 -12.17 15.74
N LEU A 65 -6.67 -12.60 14.94
CA LEU A 65 -6.48 -13.01 13.56
C LEU A 65 -6.79 -11.89 12.56
N CYS A 66 -7.09 -10.68 13.08
CA CYS A 66 -7.21 -9.49 12.25
C CYS A 66 -6.21 -8.45 12.73
N PRO A 67 -4.97 -8.52 12.25
CA PRO A 67 -4.20 -7.29 12.34
C PRO A 67 -4.89 -6.14 11.61
N SER A 68 -4.41 -4.92 11.87
CA SER A 68 -4.94 -3.72 11.25
C SER A 68 -3.91 -3.18 10.26
N GLY A 69 -2.80 -2.70 10.80
CA GLY A 69 -1.77 -2.04 10.01
C GLY A 69 -2.37 -0.79 9.38
N SER A 70 -3.29 -1.01 8.45
CA SER A 70 -3.92 0.09 7.73
C SER A 70 -4.56 1.09 8.72
N ASN A 71 -5.36 0.56 9.66
CA ASN A 71 -6.01 1.32 10.73
C ASN A 71 -5.13 2.24 11.59
N ILE A 72 -5.39 3.55 11.51
CA ILE A 72 -4.65 4.59 12.26
C ILE A 72 -5.51 5.36 13.28
N ILE A 73 -6.83 5.24 13.16
CA ILE A 73 -7.72 5.95 14.10
C ILE A 73 -8.32 5.01 15.17
N SER A 74 -8.75 3.83 14.74
CA SER A 74 -9.36 2.84 15.64
C SER A 74 -9.29 1.53 14.92
N ASN A 75 -9.25 0.45 15.69
CA ASN A 75 -9.33 -0.88 15.15
C ASN A 75 -10.66 -1.50 15.45
N LEU A 76 -11.67 -0.66 15.71
CA LEU A 76 -12.94 -1.21 16.20
C LEU A 76 -13.81 -1.62 15.06
N PHE A 77 -13.60 -1.04 13.87
CA PHE A 77 -14.53 -1.19 12.73
C PHE A 77 -13.92 -2.00 11.61
N LYS A 78 -14.72 -2.85 11.01
CA LYS A 78 -14.24 -3.94 10.19
C LYS A 78 -15.12 -4.05 8.98
N GLU A 79 -14.50 -4.54 7.91
CA GLU A 79 -15.22 -4.90 6.70
C GLU A 79 -15.62 -6.34 6.90
N ASP A 80 -16.75 -6.69 6.33
CA ASP A 80 -17.30 -8.02 6.37
C ASP A 80 -16.70 -8.83 5.18
N CYS A 81 -15.99 -9.91 5.47
CA CYS A 81 -15.39 -10.78 4.41
C CYS A 81 -16.40 -11.33 3.42
N HIS A 82 -17.62 -11.65 3.85
CA HIS A 82 -18.59 -12.09 2.86
C HIS A 82 -18.84 -10.97 1.85
N GLN A 83 -18.95 -9.75 2.36
CA GLN A 83 -19.23 -8.68 1.43
C GLN A 83 -18.00 -8.45 0.47
N LYS A 84 -16.78 -8.54 0.98
CA LYS A 84 -15.58 -8.39 0.20
C LYS A 84 -15.55 -9.50 -0.88
N ILE A 85 -15.94 -10.71 -0.53
CA ILE A 85 -15.96 -11.79 -1.53
C ILE A 85 -17.04 -11.52 -2.59
N ASP A 86 -18.23 -11.03 -2.21
CA ASP A 86 -19.27 -10.72 -3.22
C ASP A 86 -18.76 -9.63 -4.11
N ASP A 87 -18.11 -8.64 -3.53
CA ASP A 87 -17.62 -7.54 -4.36
C ASP A 87 -16.41 -7.90 -5.26
N LEU A 88 -15.64 -8.93 -4.90
CA LEU A 88 -14.52 -9.36 -5.74
C LEU A 88 -15.05 -9.96 -7.04
N PHE A 89 -16.09 -10.79 -6.93
CA PHE A 89 -16.63 -11.44 -8.12
C PHE A 89 -17.56 -10.56 -8.87
N SER A 90 -18.05 -9.47 -8.26
CA SER A 90 -18.88 -8.65 -9.11
C SER A 90 -18.10 -7.46 -9.59
N GLY A 91 -16.78 -7.56 -9.41
CA GLY A 91 -15.89 -6.55 -9.96
C GLY A 91 -16.10 -5.18 -9.32
N LYS A 92 -16.23 -5.14 -7.99
CA LYS A 92 -16.44 -3.85 -7.33
C LYS A 92 -15.42 -3.43 -6.31
N LEU A 93 -14.21 -4.03 -6.32
CA LEU A 93 -13.17 -3.75 -5.31
C LEU A 93 -12.08 -2.76 -5.75
N HIS A 94 -11.84 -2.65 -7.06
CA HIS A 94 -10.86 -1.68 -7.59
C HIS A 94 -11.15 -0.20 -7.31
N HIS A 95 -10.08 0.53 -7.03
CA HIS A 95 -10.12 1.99 -6.79
C HIS A 95 -10.20 2.72 -8.13
N HIS A 96 -11.40 2.91 -8.69
CA HIS A 96 -11.58 3.66 -9.96
C HIS A 96 -11.30 5.17 -9.79
N PHE B 4 -18.39 -30.28 2.97
CA PHE B 4 -18.46 -29.48 1.70
C PHE B 4 -17.08 -28.92 1.21
N VAL B 5 -17.09 -27.71 0.62
CA VAL B 5 -16.06 -27.18 -0.32
C VAL B 5 -14.63 -27.72 -0.21
N ASN B 6 -14.17 -28.36 -1.30
CA ASN B 6 -12.77 -28.78 -1.48
C ASN B 6 -11.93 -27.65 -2.06
N LYS B 7 -10.83 -27.32 -1.41
CA LYS B 7 -9.95 -26.23 -1.88
C LYS B 7 -9.73 -26.29 -3.40
N ASP B 8 -9.39 -27.46 -3.92
CA ASP B 8 -8.99 -27.61 -5.33
C ASP B 8 -10.04 -27.29 -6.39
N GLN B 9 -11.26 -27.74 -6.19
CA GLN B 9 -12.29 -27.38 -7.16
C GLN B 9 -12.66 -25.86 -7.12
N ILE B 10 -12.66 -25.25 -5.95
CA ILE B 10 -12.93 -23.83 -5.89
C ILE B 10 -11.84 -22.97 -6.59
N ALA B 11 -10.57 -23.20 -6.21
CA ALA B 11 -9.39 -22.61 -6.90
C ALA B 11 -9.48 -22.68 -8.42
N LYS B 12 -9.75 -23.88 -8.91
CA LYS B 12 -10.02 -24.09 -10.34
C LYS B 12 -11.28 -23.34 -10.93
N ASP B 13 -12.39 -23.28 -10.17
CA ASP B 13 -13.57 -22.48 -10.53
C ASP B 13 -13.26 -20.95 -10.65
N VAL B 14 -12.53 -20.46 -9.64
CA VAL B 14 -12.10 -19.04 -9.58
C VAL B 14 -11.23 -18.71 -10.76
N LYS B 15 -10.32 -19.63 -11.09
CA LYS B 15 -9.34 -19.38 -12.21
C LYS B 15 -10.07 -19.29 -13.52
N GLN B 16 -11.07 -20.15 -13.64
CA GLN B 16 -11.90 -20.26 -14.83
C GLN B 16 -12.77 -19.05 -14.92
N PHE B 17 -13.29 -18.59 -13.78
CA PHE B 17 -14.06 -17.34 -13.79
C PHE B 17 -13.20 -16.14 -14.14
N TYR B 18 -12.04 -16.03 -13.52
CA TYR B 18 -11.05 -15.02 -13.93
C TYR B 18 -10.74 -15.14 -15.43
N ASP B 19 -10.48 -16.38 -15.87
CA ASP B 19 -10.08 -16.58 -17.30
C ASP B 19 -11.17 -16.18 -18.24
N GLN B 20 -12.42 -16.54 -17.92
CA GLN B 20 -13.50 -16.05 -18.80
C GLN B 20 -13.62 -14.54 -18.82
N ALA B 21 -13.47 -13.84 -17.69
CA ALA B 21 -13.50 -12.36 -17.76
C ALA B 21 -12.28 -11.76 -18.50
N LEU B 22 -11.08 -12.31 -18.26
CA LEU B 22 -9.91 -11.81 -18.98
C LEU B 22 -10.09 -11.96 -20.51
N GLN B 23 -10.56 -13.12 -20.97
CA GLN B 23 -10.89 -13.21 -22.37
C GLN B 23 -11.91 -12.13 -22.85
N GLN B 24 -13.10 -12.05 -22.25
CA GLN B 24 -14.10 -11.06 -22.75
C GLN B 24 -13.57 -9.66 -22.67
N ALA B 25 -12.80 -9.36 -21.65
CA ALA B 25 -12.30 -8.00 -21.47
C ALA B 25 -11.47 -7.56 -22.68
N VAL B 26 -10.77 -8.52 -23.29
CA VAL B 26 -9.92 -8.29 -24.47
C VAL B 26 -10.77 -8.21 -25.77
N VAL B 27 -11.48 -9.28 -26.10
CA VAL B 27 -12.30 -9.35 -27.33
C VAL B 27 -13.51 -8.38 -27.42
N ASP B 28 -13.75 -7.58 -26.38
CA ASP B 28 -14.90 -6.68 -26.34
C ASP B 28 -14.64 -5.40 -25.55
N ASN B 32 -17.75 -2.60 -19.89
CA ASN B 32 -17.95 -4.00 -19.59
C ASN B 32 -17.85 -4.30 -18.10
N ASN B 33 -18.69 -5.25 -17.68
CA ASN B 33 -18.53 -5.90 -16.39
C ASN B 33 -17.22 -6.71 -16.33
N ALA B 34 -16.77 -7.26 -17.48
CA ALA B 34 -15.54 -8.08 -17.59
C ALA B 34 -14.28 -7.32 -17.25
N LYS B 35 -14.18 -6.10 -17.76
CA LYS B 35 -13.09 -5.22 -17.42
C LYS B 35 -13.12 -4.90 -15.94
N ALA B 36 -14.28 -4.53 -15.41
CA ALA B 36 -14.44 -4.26 -13.94
C ALA B 36 -13.96 -5.43 -13.08
N VAL B 37 -14.35 -6.64 -13.44
CA VAL B 37 -13.89 -7.86 -12.77
C VAL B 37 -12.37 -8.06 -12.87
N VAL B 38 -11.85 -7.96 -14.08
CA VAL B 38 -10.41 -8.04 -14.33
C VAL B 38 -9.64 -7.01 -13.49
N LYS B 39 -10.05 -5.75 -13.50
CA LYS B 39 -9.34 -4.75 -12.66
C LYS B 39 -9.43 -5.01 -11.14
N THR B 40 -10.59 -5.50 -10.71
CA THR B 40 -10.77 -5.85 -9.32
C THR B 40 -9.86 -6.98 -8.96
N PHE B 41 -9.81 -8.03 -9.79
CA PHE B 41 -8.88 -9.13 -9.51
C PHE B 41 -7.41 -8.65 -9.48
N HIS B 42 -7.02 -7.85 -10.48
CA HIS B 42 -5.62 -7.36 -10.58
C HIS B 42 -5.25 -6.55 -9.41
N GLU B 43 -6.17 -5.66 -9.05
CA GLU B 43 -5.99 -4.82 -7.90
C GLU B 43 -6.02 -5.60 -6.59
N THR B 44 -7.03 -6.43 -6.41
CA THR B 44 -7.17 -7.07 -5.10
C THR B 44 -6.06 -8.09 -4.85
N LEU B 45 -5.75 -8.87 -5.89
CA LEU B 45 -4.84 -9.98 -5.77
C LEU B 45 -3.44 -9.47 -6.11
N ASP B 46 -3.34 -8.32 -6.76
CA ASP B 46 -2.01 -7.73 -7.03
C ASP B 46 -1.31 -8.60 -8.10
N CYS B 47 -1.86 -8.62 -9.32
CA CYS B 47 -1.41 -9.54 -10.30
C CYS B 47 -1.84 -9.00 -11.60
N CYS B 48 -1.46 -9.66 -12.66
CA CYS B 48 -1.81 -9.21 -13.99
C CYS B 48 -1.76 -10.36 -15.01
N GLY B 49 -2.91 -10.69 -15.58
CA GLY B 49 -3.07 -11.81 -16.46
C GLY B 49 -2.50 -13.06 -15.89
N SER B 50 -2.12 -13.96 -16.78
CA SER B 50 -1.68 -15.27 -16.41
C SER B 50 -0.69 -15.87 -17.44
N SER B 51 0.30 -16.60 -16.94
CA SER B 51 1.21 -17.44 -17.76
C SER B 51 0.42 -18.26 -18.79
N THR B 52 -0.63 -18.92 -18.30
CA THR B 52 -1.47 -19.77 -19.14
C THR B 52 -2.19 -19.00 -20.29
N LEU B 53 -2.09 -17.67 -20.29
CA LEU B 53 -2.78 -16.82 -21.28
C LEU B 53 -1.91 -15.65 -21.73
N THR B 54 -0.73 -15.98 -22.25
CA THR B 54 0.31 -15.00 -22.68
C THR B 54 -0.21 -13.96 -23.67
N ALA B 55 -0.92 -14.39 -24.70
CA ALA B 55 -1.43 -13.40 -25.66
C ALA B 55 -2.41 -12.42 -25.01
N LEU B 56 -3.43 -12.95 -24.32
CA LEU B 56 -4.34 -12.16 -23.47
C LEU B 56 -3.59 -11.19 -22.57
N THR B 57 -2.58 -11.72 -21.89
CA THR B 57 -1.72 -10.97 -20.99
C THR B 57 -0.88 -9.82 -21.64
N THR B 58 -0.40 -10.02 -22.87
CA THR B 58 0.35 -8.95 -23.56
C THR B 58 -0.60 -7.81 -23.96
N SER B 59 -1.85 -8.15 -24.25
CA SER B 59 -2.87 -7.16 -24.57
C SER B 59 -3.37 -6.27 -23.39
N VAL B 60 -2.88 -6.54 -22.17
CA VAL B 60 -3.43 -5.91 -20.96
C VAL B 60 -3.07 -4.47 -20.84
N LEU B 61 -1.82 -4.17 -21.11
CA LEU B 61 -1.33 -2.82 -21.06
C LEU B 61 -2.04 -1.92 -22.08
N LYS B 62 -2.44 -2.53 -23.20
CA LYS B 62 -3.03 -1.81 -24.34
C LYS B 62 -4.35 -1.18 -23.89
N ASN B 63 -4.98 -1.85 -22.93
CA ASN B 63 -6.24 -1.41 -22.37
C ASN B 63 -6.13 -0.78 -20.96
N ASN B 64 -4.91 -0.78 -20.41
CA ASN B 64 -4.67 -0.33 -19.03
C ASN B 64 -5.51 -1.13 -18.01
N LEU B 65 -5.49 -2.44 -18.19
CA LEU B 65 -6.10 -3.37 -17.25
C LEU B 65 -5.20 -3.67 -16.06
N CYS B 66 -3.93 -3.26 -16.11
CA CYS B 66 -2.97 -3.59 -15.05
C CYS B 66 -2.32 -2.35 -14.42
N PRO B 67 -3.13 -1.31 -14.07
CA PRO B 67 -2.57 -0.01 -13.63
C PRO B 67 -1.41 -0.16 -12.64
N SER B 68 -0.27 0.38 -13.07
CA SER B 68 1.03 0.14 -12.45
C SER B 68 1.12 0.75 -11.03
N GLY B 69 1.74 1.91 -10.89
CA GLY B 69 1.79 2.55 -9.60
C GLY B 69 3.03 2.12 -8.88
N SER B 70 3.09 0.84 -8.53
CA SER B 70 4.32 0.29 -8.03
C SER B 70 5.42 -0.05 -9.10
N ASN B 71 5.12 0.12 -10.40
CA ASN B 71 6.09 -0.17 -11.47
C ASN B 71 6.96 1.04 -11.63
N ILE B 72 8.12 1.04 -11.04
CA ILE B 72 8.97 2.21 -11.14
C ILE B 72 10.28 1.95 -11.95
N ILE B 73 10.61 0.68 -12.19
CA ILE B 73 11.84 0.31 -12.91
C ILE B 73 11.49 -0.37 -14.22
N SER B 74 10.41 -1.15 -14.22
CA SER B 74 9.89 -1.72 -15.44
C SER B 74 8.43 -2.09 -15.30
N ASN B 75 7.73 -2.20 -16.41
CA ASN B 75 6.43 -2.78 -16.37
C ASN B 75 6.35 -4.14 -17.01
N LEU B 76 7.49 -4.81 -17.20
CA LEU B 76 7.47 -6.03 -17.96
C LEU B 76 7.10 -7.20 -17.11
N PHE B 77 7.35 -7.09 -15.80
CA PHE B 77 7.25 -8.30 -14.93
C PHE B 77 5.99 -8.19 -14.06
N LYS B 78 5.28 -9.32 -13.88
CA LYS B 78 3.91 -9.40 -13.30
C LYS B 78 3.82 -10.62 -12.44
N GLU B 79 2.97 -10.55 -11.40
CA GLU B 79 2.50 -11.71 -10.67
C GLU B 79 1.43 -12.36 -11.52
N ASP B 80 1.41 -13.68 -11.49
CA ASP B 80 0.43 -14.45 -12.25
C ASP B 80 -0.87 -14.60 -11.44
N CYS B 81 -2.00 -14.18 -12.02
CA CYS B 81 -3.25 -14.26 -11.23
C CYS B 81 -3.59 -15.70 -10.81
N HIS B 82 -3.38 -16.68 -11.68
CA HIS B 82 -3.60 -18.07 -11.25
C HIS B 82 -2.82 -18.41 -10.01
N GLN B 83 -1.63 -17.87 -9.87
CA GLN B 83 -0.80 -18.30 -8.74
C GLN B 83 -1.33 -17.56 -7.50
N LYS B 84 -1.82 -16.35 -7.70
CA LYS B 84 -2.40 -15.57 -6.64
C LYS B 84 -3.66 -16.26 -6.14
N ILE B 85 -4.47 -16.75 -7.06
CA ILE B 85 -5.65 -17.55 -6.73
C ILE B 85 -5.25 -18.79 -5.92
N ASP B 86 -4.30 -19.61 -6.40
CA ASP B 86 -3.88 -20.77 -5.57
C ASP B 86 -3.34 -20.34 -4.22
N ASP B 87 -2.61 -19.23 -4.15
CA ASP B 87 -1.98 -18.88 -2.85
C ASP B 87 -3.01 -18.33 -1.85
N LEU B 88 -4.11 -17.76 -2.39
CA LEU B 88 -5.22 -17.31 -1.57
C LEU B 88 -5.82 -18.54 -0.85
N PHE B 89 -6.25 -19.56 -1.62
CA PHE B 89 -6.82 -20.76 -1.03
C PHE B 89 -5.85 -21.60 -0.21
N SER B 90 -4.55 -21.58 -0.54
CA SER B 90 -3.48 -22.24 0.27
C SER B 90 -3.08 -21.48 1.51
N GLY B 91 -3.56 -20.25 1.62
CA GLY B 91 -3.24 -19.41 2.73
C GLY B 91 -1.79 -18.97 2.77
N LYS B 92 -1.23 -18.54 1.64
CA LYS B 92 0.17 -18.16 1.62
C LYS B 92 0.39 -16.69 1.51
N LEU B 93 -0.67 -15.92 1.23
CA LEU B 93 -0.58 -14.47 1.00
C LEU B 93 -0.81 -13.63 2.25
N HIS B 94 0.00 -13.77 3.29
CA HIS B 94 -0.14 -12.87 4.46
C HIS B 94 1.17 -12.39 5.08
N VAL C 3 16.91 -5.27 4.44
CA VAL C 3 18.27 -5.20 5.08
C VAL C 3 19.35 -6.11 4.47
N MET C 4 19.03 -7.35 4.12
CA MET C 4 20.10 -8.32 3.78
C MET C 4 19.76 -9.36 2.66
N LEU C 5 20.68 -9.53 1.72
CA LEU C 5 20.64 -10.61 0.70
C LEU C 5 22.02 -11.13 0.72
N VAL C 6 22.19 -12.44 0.85
CA VAL C 6 23.50 -13.06 0.84
C VAL C 6 23.60 -14.28 -0.10
N GLU C 7 24.40 -14.11 -1.18
CA GLU C 7 24.57 -15.15 -2.20
C GLU C 7 25.72 -16.10 -1.90
N SER C 8 25.55 -17.32 -2.35
CA SER C 8 26.63 -18.29 -2.28
C SER C 8 26.35 -19.31 -3.39
N GLY C 9 27.29 -20.21 -3.59
CA GLY C 9 27.13 -21.30 -4.54
C GLY C 9 28.01 -21.14 -5.78
N GLY C 10 28.69 -20.01 -5.94
CA GLY C 10 29.48 -19.78 -7.16
C GLY C 10 30.69 -20.72 -7.18
N GLY C 11 31.67 -20.45 -8.02
CA GLY C 11 32.79 -21.37 -8.08
C GLY C 11 33.53 -21.39 -9.40
N PHE C 12 34.32 -22.44 -9.55
CA PHE C 12 35.18 -22.57 -10.71
C PHE C 12 34.66 -23.80 -11.36
N VAL C 13 34.29 -23.66 -12.62
CA VAL C 13 33.63 -24.76 -13.25
C VAL C 13 34.16 -24.95 -14.71
N LYS C 14 34.09 -26.17 -15.20
CA LYS C 14 34.52 -26.42 -16.55
C LYS C 14 33.39 -26.02 -17.54
N PRO C 15 33.76 -25.51 -18.72
CA PRO C 15 32.86 -25.35 -19.85
C PRO C 15 31.89 -26.51 -19.96
N GLY C 16 30.62 -26.19 -20.18
CA GLY C 16 29.63 -27.22 -20.26
C GLY C 16 29.18 -27.65 -18.89
N GLY C 17 29.82 -27.13 -17.81
CA GLY C 17 29.48 -27.52 -16.43
C GLY C 17 28.20 -26.87 -15.87
N SER C 18 27.97 -27.02 -14.56
CA SER C 18 26.73 -26.72 -13.84
C SER C 18 27.02 -26.30 -12.42
N LEU C 19 26.36 -25.23 -11.96
CA LEU C 19 26.39 -24.78 -10.56
C LEU C 19 25.01 -24.31 -10.22
N LYS C 20 24.69 -24.25 -8.94
CA LYS C 20 23.44 -23.65 -8.49
C LYS C 20 23.70 -22.60 -7.43
N LEU C 21 23.35 -21.38 -7.76
CA LEU C 21 23.55 -20.23 -6.88
C LEU C 21 22.33 -20.07 -5.99
N SER C 22 22.55 -19.56 -4.78
CA SER C 22 21.44 -19.20 -3.92
C SER C 22 21.65 -17.89 -3.25
N CYS C 23 20.58 -17.39 -2.70
CA CYS C 23 20.56 -16.05 -2.17
C CYS C 23 19.59 -16.07 -1.01
N ALA C 24 20.12 -15.91 0.20
CA ALA C 24 19.27 -15.89 1.40
C ALA C 24 18.81 -14.49 1.71
N ALA C 25 17.49 -14.26 1.74
CA ALA C 25 16.99 -12.92 2.00
C ALA C 25 16.51 -12.74 3.47
N SER C 26 16.59 -11.53 4.00
CA SER C 26 16.03 -11.26 5.30
C SER C 26 15.71 -9.77 5.41
N GLY C 27 14.70 -9.43 6.25
CA GLY C 27 14.48 -8.03 6.61
C GLY C 27 13.51 -7.31 5.73
N PHE C 28 12.87 -8.05 4.82
CA PHE C 28 11.87 -7.37 3.94
C PHE C 28 10.94 -8.42 3.53
N THR C 29 9.86 -8.06 2.86
CA THR C 29 8.85 -9.07 2.60
C THR C 29 9.16 -9.83 1.30
N PHE C 30 10.09 -10.76 1.39
CA PHE C 30 10.59 -11.48 0.23
C PHE C 30 9.51 -12.02 -0.69
N ARG C 31 8.54 -12.78 -0.13
CA ARG C 31 7.47 -13.45 -0.93
C ARG C 31 6.69 -12.50 -1.83
N SER C 32 6.76 -11.22 -1.57
CA SER C 32 5.99 -10.30 -2.35
C SER C 32 6.87 -9.46 -3.28
N TYR C 33 8.15 -9.82 -3.35
CA TYR C 33 9.18 -9.09 -4.08
C TYR C 33 9.48 -9.88 -5.39
N ILE C 34 9.26 -9.20 -6.51
CA ILE C 34 9.75 -9.68 -7.81
C ILE C 34 11.27 -9.58 -7.73
N MET C 35 11.94 -10.72 -7.81
CA MET C 35 13.39 -10.79 -7.69
C MET C 35 14.13 -11.05 -9.02
N SER C 36 15.36 -10.52 -9.11
CA SER C 36 16.22 -10.70 -10.26
C SER C 36 17.64 -11.23 -9.95
N TRP C 37 18.25 -11.86 -10.95
CA TRP C 37 19.71 -11.97 -10.98
C TRP C 37 20.25 -11.08 -12.09
N VAL C 38 21.38 -10.44 -11.79
CA VAL C 38 22.09 -9.49 -12.64
C VAL C 38 23.55 -9.88 -12.52
N ARG C 39 24.24 -9.95 -13.65
CA ARG C 39 25.64 -10.44 -13.58
C ARG C 39 26.57 -9.33 -14.01
N GLN C 40 27.76 -9.33 -13.46
CA GLN C 40 28.73 -8.32 -13.81
C GLN C 40 29.98 -8.98 -14.37
N THR C 41 30.25 -8.74 -15.66
CA THR C 41 31.34 -9.45 -16.36
C THR C 41 32.73 -8.98 -15.96
N PRO C 42 33.78 -9.77 -16.29
CA PRO C 42 35.14 -9.32 -16.00
C PRO C 42 35.46 -7.94 -16.58
N GLU C 43 34.83 -7.57 -17.69
CA GLU C 43 34.97 -6.22 -18.27
C GLU C 43 34.03 -5.17 -17.66
N LYS C 44 33.23 -5.55 -16.65
CA LYS C 44 32.39 -4.61 -15.88
C LYS C 44 31.18 -4.12 -16.66
N ARG C 45 30.65 -4.95 -17.55
CA ARG C 45 29.31 -4.73 -18.06
C ARG C 45 28.31 -5.37 -17.06
N LEU C 46 27.16 -4.72 -16.90
CA LEU C 46 26.04 -5.37 -16.21
C LEU C 46 25.11 -6.01 -17.22
N GLU C 47 24.74 -7.24 -16.95
CA GLU C 47 23.78 -7.93 -17.78
C GLU C 47 22.68 -8.50 -16.91
N TRP C 48 21.44 -8.24 -17.30
CA TRP C 48 20.31 -8.93 -16.75
C TRP C 48 20.28 -10.41 -17.09
N VAL C 49 20.13 -11.29 -16.09
CA VAL C 49 20.12 -12.72 -16.33
C VAL C 49 18.71 -13.31 -16.20
N ALA C 50 17.91 -12.84 -15.24
CA ALA C 50 16.64 -13.53 -14.96
C ALA C 50 15.83 -12.78 -13.92
N THR C 51 14.51 -12.91 -14.05
CA THR C 51 13.60 -12.32 -13.14
C THR C 51 12.48 -13.34 -12.83
N ILE C 52 11.99 -13.29 -11.57
CA ILE C 52 10.90 -14.20 -11.16
C ILE C 52 9.90 -13.39 -10.31
N SER C 53 8.61 -13.61 -10.55
CA SER C 53 7.54 -12.96 -9.75
C SER C 53 7.57 -13.42 -8.27
N GLY C 54 7.01 -12.59 -7.39
CA GLY C 54 6.75 -12.92 -5.98
C GLY C 54 6.36 -14.37 -5.79
N GLY C 55 5.30 -14.83 -6.44
CA GLY C 55 4.81 -16.21 -6.22
C GLY C 55 5.53 -17.28 -7.01
N GLY C 56 6.43 -16.87 -7.91
CA GLY C 56 7.17 -17.86 -8.71
C GLY C 56 6.48 -18.42 -9.95
N GLY C 57 5.31 -17.90 -10.30
CA GLY C 57 4.57 -18.38 -11.47
C GLY C 57 5.13 -17.85 -12.83
N ASN C 58 5.61 -16.60 -12.87
CA ASN C 58 6.26 -15.99 -14.05
C ASN C 58 7.77 -15.94 -13.91
N THR C 59 8.49 -16.58 -14.82
CA THR C 59 9.97 -16.42 -14.94
C THR C 59 10.33 -15.77 -16.29
N TYR C 60 11.35 -14.90 -16.29
CA TYR C 60 11.78 -14.16 -17.47
C TYR C 60 13.30 -14.27 -17.62
N TYR C 61 13.74 -14.43 -18.87
CA TYR C 61 15.14 -14.62 -19.23
C TYR C 61 15.43 -13.93 -20.56
N PRO C 62 16.62 -13.35 -20.71
CA PRO C 62 16.98 -12.91 -22.05
C PRO C 62 17.39 -14.15 -22.85
N ASP C 63 17.31 -14.07 -24.17
CA ASP C 63 17.74 -15.19 -25.07
C ASP C 63 19.13 -15.78 -24.76
N SER C 64 20.11 -14.99 -24.32
CA SER C 64 21.46 -15.59 -24.04
C SER C 64 21.50 -16.71 -23.01
N VAL C 65 20.50 -16.77 -22.13
CA VAL C 65 20.57 -17.76 -21.06
C VAL C 65 19.33 -18.65 -21.04
N LYS C 66 18.36 -18.29 -21.84
CA LYS C 66 17.09 -18.97 -21.85
C LYS C 66 17.31 -20.46 -22.15
N GLY C 67 16.68 -21.35 -21.39
CA GLY C 67 16.85 -22.80 -21.57
C GLY C 67 18.03 -23.37 -20.80
N ARG C 68 19.08 -22.58 -20.59
CA ARG C 68 20.27 -23.04 -19.83
C ARG C 68 20.16 -22.75 -18.32
N PHE C 69 19.72 -21.54 -17.97
CA PHE C 69 19.54 -21.12 -16.57
C PHE C 69 18.09 -21.24 -16.16
N THR C 70 17.87 -21.55 -14.90
CA THR C 70 16.50 -21.61 -14.37
C THR C 70 16.51 -20.85 -13.08
N ILE C 71 15.71 -19.80 -13.00
CA ILE C 71 15.55 -19.05 -11.76
C ILE C 71 14.35 -19.65 -11.01
N SER C 72 14.48 -19.80 -9.71
CA SER C 72 13.40 -20.27 -8.82
C SER C 72 13.56 -19.64 -7.43
N ARG C 73 12.64 -19.94 -6.55
CA ARG C 73 12.62 -19.34 -5.23
C ARG C 73 11.86 -20.27 -4.29
N ASP C 74 12.17 -20.19 -3.01
CA ASP C 74 11.48 -21.00 -1.99
C ASP C 74 11.13 -19.98 -0.93
N ASN C 75 9.92 -19.49 -1.04
CA ASN C 75 9.44 -18.37 -0.23
C ASN C 75 9.35 -18.68 1.27
N ALA C 76 9.09 -19.95 1.58
CA ALA C 76 9.05 -20.43 2.97
C ALA C 76 10.45 -20.35 3.56
N LYS C 77 11.49 -20.57 2.75
CA LYS C 77 12.87 -20.45 3.23
C LYS C 77 13.49 -19.07 2.96
N ASN C 78 12.69 -18.15 2.43
CA ASN C 78 13.21 -16.88 2.00
C ASN C 78 14.51 -16.93 1.14
N THR C 79 14.57 -17.88 0.22
CA THR C 79 15.73 -18.09 -0.68
C THR C 79 15.34 -17.94 -2.16
N LEU C 80 16.27 -17.37 -2.93
CA LEU C 80 16.21 -17.23 -4.37
C LEU C 80 17.32 -18.10 -4.93
N TYR C 81 17.02 -18.80 -6.04
CA TYR C 81 17.96 -19.71 -6.66
C TYR C 81 18.24 -19.38 -8.15
N LEU C 82 19.42 -19.81 -8.62
CA LEU C 82 19.75 -19.81 -10.04
C LEU C 82 20.52 -21.07 -10.43
N GLN C 83 19.83 -22.00 -11.10
CA GLN C 83 20.48 -23.16 -11.64
C GLN C 83 21.18 -22.69 -12.96
N LEU C 84 22.50 -22.86 -13.00
CA LEU C 84 23.28 -22.69 -14.23
C LEU C 84 23.61 -24.08 -14.81
N SER C 85 23.51 -24.22 -16.13
CA SER C 85 23.94 -25.42 -16.87
C SER C 85 24.47 -25.00 -18.24
N SER C 86 25.01 -25.97 -18.98
CA SER C 86 25.75 -25.70 -20.25
C SER C 86 26.55 -24.42 -20.19
N LEU C 87 27.28 -24.25 -19.11
CA LEU C 87 28.04 -23.03 -18.88
C LEU C 87 29.09 -22.87 -19.93
N ARG C 88 29.31 -21.62 -20.29
CA ARG C 88 30.42 -21.32 -21.15
C ARG C 88 31.18 -20.08 -20.71
N SER C 89 32.26 -19.80 -21.41
CA SER C 89 33.22 -18.87 -20.91
C SER C 89 32.64 -17.45 -20.79
N GLU C 90 31.63 -17.12 -21.57
CA GLU C 90 31.03 -15.78 -21.52
C GLU C 90 30.05 -15.60 -20.33
N ASP C 91 29.83 -16.68 -19.60
CA ASP C 91 29.04 -16.70 -18.40
C ASP C 91 29.80 -16.33 -17.12
N THR C 92 31.12 -16.27 -17.20
CA THR C 92 32.02 -15.87 -16.15
C THR C 92 31.72 -14.43 -15.71
N ALA C 93 31.33 -14.26 -14.44
CA ALA C 93 30.83 -12.99 -14.00
C ALA C 93 30.61 -13.06 -12.51
N LEU C 94 30.41 -11.88 -11.94
CA LEU C 94 29.92 -11.79 -10.58
C LEU C 94 28.38 -11.76 -10.68
N TYR C 95 27.71 -12.75 -10.09
CA TYR C 95 26.26 -12.88 -10.14
C TYR C 95 25.60 -12.29 -8.89
N TYR C 96 24.91 -11.18 -9.08
CA TYR C 96 24.17 -10.55 -7.99
C TYR C 96 22.71 -10.95 -8.02
N CYS C 97 22.24 -11.27 -6.83
CA CYS C 97 20.85 -11.26 -6.37
C CYS C 97 20.37 -9.80 -6.14
N ALA C 98 19.19 -9.40 -6.64
CA ALA C 98 18.69 -8.04 -6.40
C ALA C 98 17.21 -7.92 -6.62
N SER C 99 16.55 -7.11 -5.80
CA SER C 99 15.14 -6.88 -6.01
C SER C 99 15.12 -5.74 -6.99
N LEU C 100 15.76 -6.00 -8.15
CA LEU C 100 16.14 -4.95 -9.13
C LEU C 100 14.98 -4.09 -9.53
N THR C 101 13.81 -4.69 -9.75
CA THR C 101 12.72 -3.90 -10.28
C THR C 101 11.65 -3.58 -9.20
N ALA C 102 11.96 -3.90 -7.94
CA ALA C 102 11.00 -3.71 -6.90
C ALA C 102 11.09 -2.31 -6.36
N VAL C 103 10.14 -1.97 -5.49
CA VAL C 103 10.11 -0.67 -4.84
C VAL C 103 11.30 -0.46 -3.96
N GLY C 104 11.68 -1.47 -3.21
CA GLY C 104 12.89 -1.37 -2.38
C GLY C 104 14.08 -1.91 -3.21
N ASP C 105 15.22 -1.22 -3.12
CA ASP C 105 16.37 -1.56 -3.93
C ASP C 105 17.37 -2.33 -3.12
N TYR C 106 17.41 -3.64 -3.24
CA TYR C 106 18.30 -4.40 -2.36
C TYR C 106 19.14 -5.27 -3.21
N TRP C 107 20.41 -5.34 -2.84
CA TRP C 107 21.41 -6.14 -3.56
C TRP C 107 22.17 -7.01 -2.61
N GLY C 108 22.50 -8.22 -3.06
CA GLY C 108 23.45 -9.08 -2.37
C GLY C 108 24.89 -8.58 -2.58
N GLN C 109 25.88 -9.42 -2.30
CA GLN C 109 27.24 -8.94 -2.58
C GLN C 109 27.90 -9.64 -3.79
N GLY C 110 27.12 -10.47 -4.50
CA GLY C 110 27.58 -11.22 -5.67
C GLY C 110 28.30 -12.47 -5.27
N THR C 111 28.09 -13.55 -6.02
CA THR C 111 28.87 -14.77 -5.92
C THR C 111 29.40 -15.04 -7.37
N SER C 112 30.67 -15.44 -7.49
CA SER C 112 31.35 -15.45 -8.78
C SER C 112 31.23 -16.80 -9.43
N VAL C 113 31.13 -16.76 -10.75
CA VAL C 113 31.25 -17.97 -11.52
C VAL C 113 32.40 -17.77 -12.50
N THR C 114 33.38 -18.65 -12.51
CA THR C 114 34.43 -18.46 -13.51
C THR C 114 34.49 -19.73 -14.31
N VAL C 115 34.22 -19.62 -15.60
CA VAL C 115 34.04 -20.79 -16.49
C VAL C 115 35.34 -20.88 -17.26
N SER C 116 36.10 -21.94 -16.98
CA SER C 116 37.50 -21.98 -17.42
C SER C 116 38.07 -23.38 -17.32
N SER C 117 38.55 -23.90 -18.45
CA SER C 117 39.31 -25.18 -18.40
C SER C 117 40.67 -25.05 -17.69
N GLY C 118 41.28 -23.85 -17.75
CA GLY C 118 42.56 -23.54 -17.08
C GLY C 118 42.58 -23.59 -15.55
N GLY C 119 41.45 -23.31 -14.91
CA GLY C 119 41.36 -23.17 -13.46
C GLY C 119 41.46 -21.70 -13.06
N ASP C 138 17.33 -6.13 -29.42
CA ASP C 138 17.45 -5.63 -28.03
C ASP C 138 17.76 -4.17 -28.14
N VAL C 139 17.26 -3.38 -27.19
CA VAL C 139 17.55 -1.94 -27.18
C VAL C 139 18.95 -1.66 -26.71
N VAL C 140 19.66 -0.83 -27.48
CA VAL C 140 21.04 -0.50 -27.20
C VAL C 140 21.07 0.75 -26.36
N MET C 141 21.82 0.70 -25.26
CA MET C 141 22.02 1.89 -24.47
C MET C 141 23.47 2.26 -24.61
N THR C 142 23.66 3.51 -25.01
CA THR C 142 24.98 4.05 -25.31
C THR C 142 25.39 5.12 -24.30
N GLN C 143 26.36 4.76 -23.48
CA GLN C 143 26.84 5.62 -22.42
C GLN C 143 28.21 6.19 -22.76
N THR C 144 28.22 7.51 -22.84
CA THR C 144 29.45 8.25 -22.96
C THR C 144 29.63 9.24 -21.81
N PRO C 145 30.89 9.47 -21.40
CA PRO C 145 32.10 8.90 -21.97
C PRO C 145 32.37 7.56 -21.24
N LEU C 146 33.47 6.88 -21.53
CA LEU C 146 33.70 5.61 -20.89
C LEU C 146 34.34 5.80 -19.52
N THR C 147 35.23 6.77 -19.45
CA THR C 147 35.74 7.26 -18.22
C THR C 147 35.86 8.77 -18.17
N LEU C 148 35.34 9.33 -17.10
CA LEU C 148 35.45 10.71 -16.82
C LEU C 148 36.28 10.90 -15.55
N SER C 149 37.41 11.57 -15.73
CA SER C 149 38.39 11.79 -14.68
C SER C 149 38.17 13.19 -14.15
N VAL C 150 38.06 13.29 -12.83
CA VAL C 150 37.57 14.53 -12.27
C VAL C 150 38.43 15.04 -11.10
N THR C 151 38.21 16.29 -10.74
CA THR C 151 38.71 16.77 -9.46
C THR C 151 37.60 17.07 -8.46
N ILE C 152 37.80 16.56 -7.26
CA ILE C 152 36.95 16.89 -6.11
C ILE C 152 36.32 18.33 -6.19
N GLY C 153 35.00 18.40 -6.15
CA GLY C 153 34.30 19.67 -6.26
C GLY C 153 33.90 20.10 -7.66
N GLN C 154 34.63 19.58 -8.65
CA GLN C 154 34.38 19.89 -10.05
C GLN C 154 33.07 19.19 -10.50
N PRO C 155 32.26 19.83 -11.38
CA PRO C 155 31.00 19.17 -11.74
C PRO C 155 31.16 17.98 -12.75
N ALA C 156 30.24 17.01 -12.69
CA ALA C 156 30.21 15.90 -13.65
C ALA C 156 28.91 15.82 -14.50
N SER C 157 29.01 15.25 -15.71
CA SER C 157 27.89 15.03 -16.61
C SER C 157 28.14 13.81 -17.49
N ILE C 158 27.18 12.88 -17.46
CA ILE C 158 27.31 11.59 -18.06
C ILE C 158 26.13 11.49 -18.98
N SER C 159 26.36 10.90 -20.15
CA SER C 159 25.30 10.74 -21.14
C SER C 159 24.87 9.28 -21.34
N CYS C 160 23.61 9.07 -21.68
CA CYS C 160 23.11 7.72 -22.02
C CYS C 160 22.00 7.85 -23.03
N LYS C 161 22.19 7.20 -24.19
CA LYS C 161 21.22 7.26 -25.30
C LYS C 161 20.76 5.88 -25.67
N SER C 162 19.48 5.76 -25.98
CA SER C 162 18.88 4.50 -26.34
C SER C 162 18.50 4.54 -27.82
N SER C 163 18.47 3.35 -28.44
CA SER C 163 18.26 3.19 -29.87
C SER C 163 16.79 3.18 -30.22
N GLN C 164 15.97 3.21 -29.18
CA GLN C 164 14.52 3.27 -29.32
C GLN C 164 14.01 4.11 -28.15
N SER C 165 12.84 4.73 -28.32
CA SER C 165 12.24 5.57 -27.29
C SER C 165 11.88 4.74 -26.03
N LEU C 166 12.16 5.28 -24.85
CA LEU C 166 11.91 4.50 -23.62
C LEU C 166 10.52 4.80 -23.03
N PHE C 167 9.77 5.67 -23.72
CA PHE C 167 8.44 6.14 -23.36
C PHE C 167 7.45 5.03 -23.58
N ASP C 168 6.86 4.49 -22.51
CA ASP C 168 5.94 3.37 -22.70
C ASP C 168 4.52 3.84 -22.97
N THR C 169 3.71 2.94 -23.53
CA THR C 169 2.26 3.18 -23.76
C THR C 169 1.59 3.66 -22.46
N ASP C 170 1.86 2.94 -21.38
CA ASP C 170 1.95 3.39 -19.98
C ASP C 170 1.95 4.88 -19.61
N GLY C 171 2.56 5.71 -20.46
CA GLY C 171 2.96 7.07 -20.07
C GLY C 171 4.24 7.25 -19.24
N LYS C 172 4.88 6.16 -18.81
CA LYS C 172 6.08 6.26 -17.99
C LYS C 172 7.31 5.90 -18.83
N THR C 173 8.46 6.48 -18.44
CA THR C 173 9.74 6.36 -19.15
C THR C 173 10.73 5.70 -18.26
N TYR C 174 10.84 4.39 -18.42
CA TYR C 174 11.56 3.54 -17.48
C TYR C 174 13.07 3.55 -17.65
N LEU C 175 13.65 4.74 -17.52
CA LEU C 175 15.06 4.90 -17.50
C LEU C 175 15.65 4.98 -16.07
N THR C 176 16.60 4.10 -15.72
CA THR C 176 17.12 4.05 -14.34
C THR C 176 18.60 4.32 -14.31
N TRP C 177 19.15 4.98 -13.27
CA TRP C 177 20.60 5.15 -13.17
C TRP C 177 21.05 4.52 -11.94
N LEU C 178 22.17 3.82 -11.98
CA LEU C 178 22.63 3.12 -10.80
C LEU C 178 24.07 3.49 -10.67
N LEU C 179 24.65 3.27 -9.46
CA LEU C 179 26.01 3.56 -9.21
C LEU C 179 26.63 2.44 -8.46
N GLN C 180 27.82 2.03 -8.88
CA GLN C 180 28.50 1.00 -8.13
C GLN C 180 29.83 1.53 -7.60
N ARG C 181 29.91 1.68 -6.27
CA ARG C 181 31.09 2.21 -5.64
C ARG C 181 32.15 1.13 -5.52
N PRO C 182 33.43 1.56 -5.50
CA PRO C 182 34.47 0.58 -5.50
C PRO C 182 34.25 -0.40 -4.34
N GLY C 183 34.27 -1.66 -4.69
CA GLY C 183 34.15 -2.74 -3.75
C GLY C 183 32.72 -3.00 -3.31
N GLN C 184 31.77 -2.22 -3.80
CA GLN C 184 30.34 -2.43 -3.46
C GLN C 184 29.51 -3.09 -4.56
N SER C 185 28.26 -3.40 -4.23
CA SER C 185 27.32 -3.83 -5.22
C SER C 185 26.75 -2.56 -5.85
N PRO C 186 26.14 -2.68 -7.06
CA PRO C 186 25.40 -1.53 -7.64
C PRO C 186 24.19 -1.07 -6.78
N LYS C 187 23.78 0.19 -6.92
CA LYS C 187 22.78 0.80 -6.07
C LYS C 187 21.92 1.66 -6.98
N ARG C 188 20.58 1.57 -6.89
CA ARG C 188 19.73 2.45 -7.67
C ARG C 188 19.99 3.84 -7.19
N LEU C 189 20.20 4.79 -8.12
CA LEU C 189 20.35 6.21 -7.82
C LEU C 189 19.13 7.00 -8.24
N ILE C 190 18.69 6.79 -9.47
CA ILE C 190 17.52 7.45 -9.93
C ILE C 190 16.65 6.61 -10.86
N TYR C 191 15.34 6.79 -10.79
CA TYR C 191 14.43 6.01 -11.59
C TYR C 191 13.46 6.94 -12.26
N LEU C 192 12.72 6.42 -13.21
CA LEU C 192 11.83 7.18 -14.07
C LEU C 192 12.48 8.50 -14.49
N VAL C 193 13.73 8.42 -14.96
CA VAL C 193 14.46 9.57 -15.52
C VAL C 193 15.07 10.52 -14.48
N SER C 194 14.23 11.00 -13.56
CA SER C 194 14.55 12.19 -12.70
C SER C 194 14.33 12.03 -11.18
N LYS C 195 13.58 11.00 -10.78
CA LYS C 195 13.17 10.84 -9.39
C LYS C 195 14.29 10.19 -8.65
N LEU C 196 14.82 10.85 -7.62
CA LEU C 196 15.84 10.24 -6.78
C LEU C 196 15.31 9.12 -5.89
N ALA C 197 16.21 8.21 -5.56
CA ALA C 197 15.93 7.12 -4.67
C ALA C 197 16.28 7.55 -3.24
N SER C 198 15.87 6.72 -2.29
CA SER C 198 16.14 6.90 -0.86
C SER C 198 17.55 7.32 -0.58
N GLY C 199 17.71 8.46 0.07
CA GLY C 199 19.01 8.86 0.58
C GLY C 199 20.00 9.39 -0.44
N VAL C 200 19.54 9.60 -1.70
CA VAL C 200 20.39 10.24 -2.74
C VAL C 200 20.42 11.79 -2.65
N PRO C 201 21.61 12.36 -2.38
CA PRO C 201 21.78 13.80 -2.17
C PRO C 201 21.43 14.63 -3.39
N ASP C 202 20.87 15.80 -3.13
CA ASP C 202 20.32 16.69 -4.17
C ASP C 202 21.26 17.20 -5.26
N ARG C 203 22.55 16.98 -5.13
CA ARG C 203 23.50 17.36 -6.19
C ARG C 203 23.51 16.40 -7.41
N PHE C 204 22.75 15.31 -7.33
CA PHE C 204 22.44 14.48 -8.48
C PHE C 204 21.19 15.01 -9.12
N THR C 205 21.22 15.13 -10.43
CA THR C 205 20.06 15.50 -11.20
C THR C 205 20.04 14.62 -12.42
N GLY C 206 18.89 13.99 -12.65
CA GLY C 206 18.67 13.26 -13.86
C GLY C 206 17.69 13.98 -14.73
N SER C 207 18.04 14.12 -16.02
CA SER C 207 17.13 14.67 -17.05
C SER C 207 17.04 13.79 -18.30
N GLY C 208 16.26 14.28 -19.26
CA GLY C 208 16.16 13.65 -20.54
C GLY C 208 14.77 13.26 -20.93
N SER C 209 14.66 12.58 -22.07
CA SER C 209 13.36 12.30 -22.63
C SER C 209 13.58 11.43 -23.87
N GLY C 210 12.56 10.69 -24.28
CA GLY C 210 12.67 9.80 -25.42
C GLY C 210 13.87 8.85 -25.50
N THR C 211 14.92 9.31 -26.16
CA THR C 211 16.08 8.47 -26.43
C THR C 211 17.33 9.16 -25.87
N ASP C 212 17.18 10.34 -25.27
CA ASP C 212 18.37 11.05 -24.73
C ASP C 212 18.26 11.33 -23.22
N PHE C 213 19.28 10.99 -22.44
CA PHE C 213 19.21 11.10 -20.97
C PHE C 213 20.55 11.54 -20.37
N THR C 214 20.52 12.31 -19.28
CA THR C 214 21.78 12.86 -18.68
C THR C 214 21.72 12.78 -17.17
N LEU C 215 22.82 12.42 -16.55
CA LEU C 215 22.98 12.44 -15.15
C LEU C 215 24.01 13.50 -14.94
N LYS C 216 23.67 14.50 -14.13
CA LYS C 216 24.60 15.58 -13.80
C LYS C 216 24.85 15.60 -12.31
N ILE C 217 26.12 15.71 -11.91
CA ILE C 217 26.53 15.98 -10.53
C ILE C 217 27.07 17.42 -10.36
N SER C 218 26.36 18.21 -9.55
CA SER C 218 26.73 19.60 -9.24
C SER C 218 28.19 19.67 -8.92
N ARG C 219 28.58 18.81 -7.99
CA ARG C 219 29.80 18.96 -7.23
C ARG C 219 30.13 17.56 -6.78
N VAL C 220 31.13 17.00 -7.44
CA VAL C 220 31.60 15.67 -7.12
C VAL C 220 32.24 15.62 -5.71
N GLU C 221 31.78 14.68 -4.90
CA GLU C 221 32.39 14.33 -3.63
C GLU C 221 33.01 12.93 -3.77
N ALA C 222 33.86 12.54 -2.83
CA ALA C 222 34.46 11.19 -2.85
C ALA C 222 33.44 10.04 -2.74
N GLU C 223 32.21 10.31 -2.28
CA GLU C 223 31.20 9.25 -2.20
C GLU C 223 30.55 8.96 -3.56
N ASP C 224 30.88 9.79 -4.57
CA ASP C 224 30.29 9.70 -5.91
C ASP C 224 31.13 8.88 -6.89
N LEU C 225 32.34 8.53 -6.49
CA LEU C 225 33.25 7.82 -7.38
C LEU C 225 32.81 6.37 -7.56
N GLY C 226 32.90 5.86 -8.78
CA GLY C 226 32.64 4.45 -9.05
C GLY C 226 32.15 4.38 -10.48
N VAL C 227 31.34 3.36 -10.80
CA VAL C 227 30.83 3.19 -12.16
C VAL C 227 29.35 3.43 -12.17
N TYR C 228 28.90 4.37 -12.99
CA TYR C 228 27.48 4.64 -13.21
C TYR C 228 26.94 3.84 -14.40
N TYR C 229 25.75 3.24 -14.26
CA TYR C 229 25.12 2.57 -15.39
C TYR C 229 23.74 3.09 -15.55
N CYS C 230 23.26 3.21 -16.79
CA CYS C 230 21.82 3.40 -17.03
C CYS C 230 21.20 2.08 -17.43
N LEU C 231 19.86 1.97 -17.32
CA LEU C 231 19.12 0.74 -17.42
C LEU C 231 17.81 1.11 -18.04
N GLN C 232 17.35 0.40 -19.09
CA GLN C 232 16.03 0.70 -19.60
C GLN C 232 15.15 -0.46 -19.26
N GLY C 233 13.88 -0.17 -18.91
CA GLY C 233 12.97 -1.22 -18.54
C GLY C 233 11.68 -1.19 -19.32
N THR C 234 11.69 -0.48 -20.45
CA THR C 234 10.53 -0.41 -21.30
C THR C 234 10.41 -1.59 -22.27
N HIS C 235 11.55 -2.07 -22.80
CA HIS C 235 11.50 -3.07 -23.83
C HIS C 235 12.17 -4.33 -23.32
N PHE C 236 11.53 -5.45 -23.57
CA PHE C 236 12.12 -6.74 -23.32
C PHE C 236 13.19 -7.06 -24.40
N PRO C 237 14.40 -7.51 -24.02
CA PRO C 237 14.94 -7.73 -22.67
C PRO C 237 15.46 -6.46 -22.04
N LEU C 238 15.50 -6.44 -20.69
CA LEU C 238 16.16 -5.37 -19.96
C LEU C 238 17.60 -5.19 -20.49
N THR C 239 18.00 -3.95 -20.72
CA THR C 239 19.37 -3.68 -21.13
C THR C 239 20.01 -2.52 -20.36
N PHE C 240 21.34 -2.62 -20.16
CA PHE C 240 22.16 -1.62 -19.55
C PHE C 240 23.18 -0.97 -20.50
N GLY C 241 23.53 0.28 -20.18
CA GLY C 241 24.63 0.96 -20.81
C GLY C 241 25.83 0.26 -20.28
N ALA C 242 26.96 0.47 -20.97
CA ALA C 242 28.22 -0.19 -20.69
C ALA C 242 28.95 0.41 -19.50
N GLY C 243 28.51 1.57 -19.04
CA GLY C 243 29.10 2.10 -17.79
C GLY C 243 30.03 3.29 -18.01
N THR C 244 29.93 4.31 -17.17
CA THR C 244 30.94 5.36 -17.10
C THR C 244 31.63 5.38 -15.74
N LYS C 245 32.94 5.18 -15.75
CA LYS C 245 33.75 5.19 -14.54
C LYS C 245 34.04 6.67 -14.20
N LEU C 246 33.57 7.15 -13.03
CA LEU C 246 33.98 8.46 -12.47
C LEU C 246 35.16 8.20 -11.55
N ASP C 247 36.30 8.86 -11.85
CA ASP C 247 37.44 8.83 -10.94
C ASP C 247 38.18 10.17 -10.83
N LEU C 248 39.22 10.22 -9.98
CA LEU C 248 40.02 11.46 -9.77
C LEU C 248 41.18 11.67 -10.78
N LYS C 249 41.48 12.93 -11.09
CA LYS C 249 42.63 13.25 -11.99
C LYS C 249 43.99 12.81 -11.44
N VAL D 3 -12.51 14.90 -2.14
CA VAL D 3 -12.50 16.37 -2.24
C VAL D 3 -13.75 16.87 -1.51
N MET D 4 -14.85 16.15 -1.65
CA MET D 4 -16.13 16.72 -1.23
C MET D 4 -17.13 15.77 -0.55
N LEU D 5 -17.69 16.29 0.52
CA LEU D 5 -18.78 15.65 1.24
C LEU D 5 -19.78 16.75 1.47
N VAL D 6 -20.97 16.59 0.96
CA VAL D 6 -21.98 17.57 1.17
C VAL D 6 -23.21 17.03 1.87
N GLU D 7 -23.51 17.56 3.05
CA GLU D 7 -24.64 17.06 3.82
C GLU D 7 -25.96 17.78 3.61
N SER D 8 -27.05 17.04 3.74
CA SER D 8 -28.32 17.71 3.76
C SER D 8 -29.39 16.94 4.43
N GLY D 9 -30.56 17.54 4.52
CA GLY D 9 -31.70 16.88 5.10
C GLY D 9 -31.94 17.22 6.56
N GLY D 10 -31.02 18.00 7.16
CA GLY D 10 -31.26 18.55 8.47
C GLY D 10 -32.48 19.49 8.56
N GLY D 11 -32.80 19.94 9.79
CA GLY D 11 -34.04 20.71 10.01
C GLY D 11 -34.55 20.77 11.46
N PHE D 12 -35.87 20.93 11.60
CA PHE D 12 -36.50 21.30 12.87
C PHE D 12 -37.59 20.34 13.12
N VAL D 13 -37.58 19.74 14.30
CA VAL D 13 -38.53 18.69 14.52
C VAL D 13 -38.93 18.64 16.00
N LYS D 14 -40.06 17.99 16.23
CA LYS D 14 -40.63 17.86 17.54
C LYS D 14 -40.08 16.59 18.16
N PRO D 15 -39.98 16.57 19.49
CA PRO D 15 -39.71 15.35 20.24
C PRO D 15 -40.47 14.15 19.72
N GLY D 16 -39.73 13.07 19.45
CA GLY D 16 -40.33 11.85 18.99
C GLY D 16 -40.45 11.76 17.50
N GLY D 17 -40.12 12.82 16.77
CA GLY D 17 -40.16 12.77 15.30
C GLY D 17 -38.96 12.08 14.61
N SER D 18 -38.92 12.19 13.27
CA SER D 18 -37.97 11.55 12.35
C SER D 18 -37.40 12.51 11.32
N LEU D 19 -36.18 12.27 10.85
CA LEU D 19 -35.55 13.02 9.76
C LEU D 19 -34.52 12.06 9.17
N LYS D 20 -34.23 12.17 7.88
CA LYS D 20 -33.19 11.41 7.23
C LYS D 20 -32.21 12.35 6.58
N LEU D 21 -30.97 12.24 7.00
CA LEU D 21 -29.87 13.05 6.57
C LEU D 21 -29.16 12.30 5.42
N SER D 22 -28.51 13.06 4.53
CA SER D 22 -27.78 12.54 3.40
C SER D 22 -26.43 13.16 3.37
N CYS D 23 -25.52 12.43 2.76
CA CYS D 23 -24.22 12.93 2.50
C CYS D 23 -23.76 12.39 1.14
N ALA D 24 -23.59 13.35 0.21
CA ALA D 24 -23.08 13.16 -1.14
C ALA D 24 -21.57 13.26 -1.20
N ALA D 25 -20.90 12.15 -1.53
CA ALA D 25 -19.44 12.14 -1.62
C ALA D 25 -18.99 12.30 -3.07
N SER D 26 -17.80 12.83 -3.29
CA SER D 26 -17.22 12.94 -4.62
C SER D 26 -15.75 13.15 -4.44
N GLY D 27 -14.96 12.59 -5.35
CA GLY D 27 -13.50 12.86 -5.41
C GLY D 27 -12.58 11.91 -4.67
N PHE D 28 -13.15 10.80 -4.18
CA PHE D 28 -12.38 9.72 -3.57
C PHE D 28 -13.13 8.43 -3.82
N THR D 29 -12.48 7.31 -3.52
CA THR D 29 -13.14 6.02 -3.76
C THR D 29 -14.03 5.67 -2.55
N PHE D 30 -15.26 6.17 -2.64
CA PHE D 30 -16.21 6.21 -1.53
C PHE D 30 -16.39 4.83 -0.92
N ARG D 31 -16.70 3.87 -1.82
CA ARG D 31 -16.98 2.48 -1.47
C ARG D 31 -15.90 1.80 -0.68
N SER D 32 -14.68 2.31 -0.69
CA SER D 32 -13.69 1.64 0.09
C SER D 32 -13.41 2.34 1.43
N TYR D 33 -14.22 3.36 1.78
CA TYR D 33 -14.00 4.09 3.05
C TYR D 33 -15.05 3.64 4.08
N ILE D 34 -14.58 3.42 5.30
CA ILE D 34 -15.48 3.29 6.47
C ILE D 34 -15.94 4.69 6.82
N MET D 35 -17.22 4.92 6.73
CA MET D 35 -17.72 6.27 6.91
C MET D 35 -18.44 6.45 8.29
N SER D 36 -18.41 7.69 8.83
CA SER D 36 -18.99 7.98 10.12
C SER D 36 -19.89 9.19 10.09
N TRP D 37 -20.73 9.31 11.14
CA TRP D 37 -21.43 10.55 11.48
C TRP D 37 -20.95 10.97 12.85
N VAL D 38 -20.68 12.27 12.99
CA VAL D 38 -20.18 12.81 14.24
C VAL D 38 -21.04 14.05 14.40
N ARG D 39 -21.66 14.20 15.57
CA ARG D 39 -22.54 15.36 15.84
C ARG D 39 -21.79 16.37 16.79
N GLN D 40 -22.09 17.65 16.68
CA GLN D 40 -21.49 18.65 17.55
C GLN D 40 -22.66 19.41 18.14
N THR D 41 -22.80 19.31 19.47
CA THR D 41 -23.90 19.85 20.23
C THR D 41 -23.82 21.38 20.34
N PRO D 42 -24.95 22.04 20.71
CA PRO D 42 -24.87 23.50 20.90
C PRO D 42 -23.70 23.99 21.76
N GLU D 43 -23.26 23.19 22.71
CA GLU D 43 -22.16 23.53 23.60
C GLU D 43 -20.80 23.15 23.05
N LYS D 44 -20.79 22.78 21.77
CA LYS D 44 -19.54 22.46 21.06
C LYS D 44 -18.82 21.21 21.55
N ARG D 45 -19.58 20.18 21.90
CA ARG D 45 -18.98 18.91 22.20
C ARG D 45 -19.16 18.08 20.98
N LEU D 46 -18.16 17.28 20.68
CA LEU D 46 -18.32 16.32 19.59
C LEU D 46 -18.71 14.96 20.15
N GLU D 47 -19.62 14.28 19.48
CA GLU D 47 -20.04 12.96 19.85
C GLU D 47 -20.13 12.13 18.61
N TRP D 48 -19.49 10.98 18.69
CA TRP D 48 -19.62 9.92 17.72
C TRP D 48 -21.02 9.40 17.73
N VAL D 49 -21.63 9.30 16.55
CA VAL D 49 -23.01 8.85 16.37
C VAL D 49 -23.14 7.49 15.67
N ALA D 50 -22.44 7.25 14.56
CA ALA D 50 -22.52 5.96 13.87
C ALA D 50 -21.37 5.79 12.93
N THR D 51 -21.05 4.54 12.63
CA THR D 51 -20.00 4.15 11.64
C THR D 51 -20.50 2.96 10.83
N ILE D 52 -20.22 2.98 9.53
CA ILE D 52 -20.58 1.91 8.61
C ILE D 52 -19.33 1.49 7.76
N SER D 53 -19.16 0.18 7.58
CA SER D 53 -18.07 -0.37 6.75
C SER D 53 -18.26 0.03 5.29
N GLY D 54 -17.16 0.05 4.55
CA GLY D 54 -17.14 0.33 3.13
C GLY D 54 -18.27 -0.35 2.40
N GLY D 55 -18.38 -1.66 2.56
CA GLY D 55 -19.45 -2.39 1.81
C GLY D 55 -20.82 -2.46 2.45
N GLY D 56 -21.01 -1.80 3.62
CA GLY D 56 -22.39 -1.76 4.14
C GLY D 56 -22.72 -2.85 5.13
N GLY D 57 -21.79 -3.75 5.45
CA GLY D 57 -22.12 -4.97 6.24
C GLY D 57 -22.11 -4.78 7.77
N ASN D 58 -21.19 -3.95 8.26
CA ASN D 58 -21.06 -3.71 9.68
C ASN D 58 -21.48 -2.24 9.98
N THR D 59 -22.45 -2.11 10.88
CA THR D 59 -22.85 -0.81 11.36
C THR D 59 -22.60 -0.80 12.86
N TYR D 60 -22.22 0.37 13.39
CA TYR D 60 -21.86 0.52 14.77
C TYR D 60 -22.47 1.80 15.34
N TYR D 61 -22.92 1.71 16.60
CA TYR D 61 -23.60 2.81 17.32
C TYR D 61 -23.28 2.81 18.80
N PRO D 62 -23.05 3.99 19.39
CA PRO D 62 -23.05 4.04 20.84
C PRO D 62 -24.50 3.81 21.36
N ASP D 63 -24.66 3.38 22.60
CA ASP D 63 -26.04 3.13 23.15
C ASP D 63 -26.95 4.39 23.12
N SER D 64 -26.36 5.59 23.15
CA SER D 64 -27.19 6.81 23.22
C SER D 64 -28.16 6.90 22.04
N VAL D 65 -27.83 6.28 20.88
CA VAL D 65 -28.70 6.46 19.72
C VAL D 65 -29.07 5.11 19.20
N LYS D 66 -28.40 4.09 19.68
CA LYS D 66 -28.66 2.78 19.15
C LYS D 66 -30.15 2.38 19.28
N GLY D 67 -30.72 1.79 18.23
CA GLY D 67 -32.11 1.40 18.24
C GLY D 67 -32.95 2.50 17.64
N ARG D 68 -32.43 3.73 17.62
CA ARG D 68 -33.19 4.92 17.15
C ARG D 68 -32.70 5.41 15.77
N PHE D 69 -31.37 5.37 15.55
CA PHE D 69 -30.76 5.83 14.31
C PHE D 69 -30.22 4.65 13.49
N THR D 70 -30.26 4.78 12.16
CA THR D 70 -29.76 3.75 11.26
C THR D 70 -28.86 4.41 10.24
N ILE D 71 -27.57 4.06 10.31
CA ILE D 71 -26.64 4.53 9.31
C ILE D 71 -26.81 3.60 8.13
N SER D 72 -26.73 4.16 6.94
CA SER D 72 -26.68 3.29 5.75
C SER D 72 -25.93 4.00 4.60
N ARG D 73 -25.61 3.26 3.53
CA ARG D 73 -24.87 3.83 2.42
C ARG D 73 -25.29 3.30 1.07
N ASP D 74 -25.13 4.10 0.03
CA ASP D 74 -25.48 3.59 -1.31
C ASP D 74 -24.23 3.81 -2.13
N ASN D 75 -23.49 2.76 -2.33
CA ASN D 75 -22.19 2.93 -2.96
C ASN D 75 -22.25 3.37 -4.42
N ALA D 76 -23.25 2.88 -5.13
CA ALA D 76 -23.40 3.18 -6.53
C ALA D 76 -23.74 4.67 -6.67
N LYS D 77 -24.52 5.22 -5.73
CA LYS D 77 -24.81 6.67 -5.69
C LYS D 77 -23.83 7.54 -4.92
N ASN D 78 -22.76 6.98 -4.34
CA ASN D 78 -21.82 7.78 -3.54
C ASN D 78 -22.50 8.63 -2.42
N THR D 79 -23.50 8.04 -1.79
CA THR D 79 -24.24 8.70 -0.76
C THR D 79 -24.18 7.92 0.59
N LEU D 80 -23.93 8.63 1.68
CA LEU D 80 -24.11 8.13 3.05
C LEU D 80 -25.41 8.67 3.68
N TYR D 81 -26.14 7.80 4.43
CA TYR D 81 -27.37 8.22 5.12
C TYR D 81 -27.32 8.04 6.65
N LEU D 82 -28.15 8.82 7.34
CA LEU D 82 -28.47 8.59 8.74
C LEU D 82 -29.96 8.82 8.90
N GLN D 83 -30.70 7.73 9.10
CA GLN D 83 -32.10 7.84 9.50
C GLN D 83 -32.20 8.12 11.01
N LEU D 84 -32.82 9.24 11.36
CA LEU D 84 -32.99 9.63 12.79
C LEU D 84 -34.42 9.32 13.09
N SER D 85 -34.70 8.71 14.25
CA SER D 85 -36.07 8.46 14.69
C SER D 85 -36.17 8.59 16.20
N SER D 86 -37.40 8.57 16.72
CA SER D 86 -37.68 8.77 18.15
C SER D 86 -36.84 9.87 18.71
N LEU D 87 -36.86 11.01 18.06
CA LEU D 87 -35.85 12.03 18.36
C LEU D 87 -36.08 12.69 19.72
N ARG D 88 -35.01 13.11 20.38
CA ARG D 88 -35.03 13.72 21.71
C ARG D 88 -34.34 15.08 21.68
N SER D 89 -34.69 16.01 22.58
CA SER D 89 -33.99 17.31 22.67
C SER D 89 -32.48 17.23 22.62
N GLU D 90 -31.92 16.27 23.31
CA GLU D 90 -30.46 16.16 23.39
C GLU D 90 -29.86 15.57 22.10
N ASP D 91 -30.69 15.22 21.14
CA ASP D 91 -30.19 14.88 19.79
C ASP D 91 -29.93 16.18 18.94
N THR D 92 -30.30 17.36 19.45
CA THR D 92 -30.03 18.64 18.81
C THR D 92 -28.51 18.79 18.62
N ALA D 93 -28.07 19.00 17.38
CA ALA D 93 -26.64 19.19 17.08
C ALA D 93 -26.41 19.44 15.58
N LEU D 94 -25.20 19.86 15.24
CA LEU D 94 -24.76 19.86 13.87
C LEU D 94 -24.18 18.46 13.58
N TYR D 95 -24.80 17.75 12.66
CA TYR D 95 -24.34 16.43 12.20
C TYR D 95 -23.43 16.43 11.00
N TYR D 96 -22.21 15.95 11.24
CA TYR D 96 -21.16 15.87 10.23
C TYR D 96 -21.01 14.49 9.66
N CYS D 97 -21.06 14.44 8.33
CA CYS D 97 -20.61 13.26 7.55
C CYS D 97 -19.05 13.29 7.51
N ALA D 98 -18.39 12.19 7.85
CA ALA D 98 -16.94 12.19 7.85
C ALA D 98 -16.38 10.79 7.65
N SER D 99 -15.21 10.72 7.02
CA SER D 99 -14.47 9.46 6.88
C SER D 99 -13.54 9.38 8.06
N LEU D 100 -14.12 9.54 9.25
CA LEU D 100 -13.45 9.81 10.50
C LEU D 100 -12.28 8.89 10.80
N THR D 101 -12.43 7.59 10.50
CA THR D 101 -11.40 6.61 10.89
C THR D 101 -10.60 6.11 9.66
N ALA D 102 -10.83 6.71 8.51
CA ALA D 102 -10.26 6.21 7.24
C ALA D 102 -8.90 6.78 7.06
N VAL D 103 -8.11 6.17 6.18
CA VAL D 103 -6.80 6.74 5.87
C VAL D 103 -6.87 8.23 5.43
N GLY D 104 -7.80 8.63 4.57
CA GLY D 104 -7.95 10.06 4.26
C GLY D 104 -9.00 10.67 5.20
N ASP D 105 -8.76 11.93 5.64
CA ASP D 105 -9.63 12.68 6.58
C ASP D 105 -10.49 13.65 5.83
N TYR D 106 -11.71 13.25 5.48
CA TYR D 106 -12.66 14.18 4.87
C TYR D 106 -13.85 14.46 5.77
N TRP D 107 -14.30 15.71 5.74
CA TRP D 107 -15.45 16.13 6.52
C TRP D 107 -16.45 16.87 5.67
N GLY D 108 -17.74 16.64 5.89
CA GLY D 108 -18.72 17.52 5.23
C GLY D 108 -18.72 18.86 5.97
N GLN D 109 -19.68 19.72 5.68
CA GLN D 109 -19.73 20.99 6.42
C GLN D 109 -20.78 20.92 7.55
N GLY D 110 -21.56 19.85 7.57
CA GLY D 110 -22.46 19.56 8.68
C GLY D 110 -23.86 19.95 8.27
N THR D 111 -24.85 19.19 8.69
CA THR D 111 -26.21 19.60 8.52
C THR D 111 -26.89 19.53 9.93
N SER D 112 -27.70 20.53 10.24
CA SER D 112 -28.19 20.77 11.59
C SER D 112 -29.52 20.10 11.91
N VAL D 113 -29.60 19.53 13.11
CA VAL D 113 -30.90 19.04 13.62
C VAL D 113 -31.23 19.82 14.91
N THR D 114 -32.47 20.32 14.96
CA THR D 114 -33.01 20.98 16.17
C THR D 114 -34.33 20.34 16.57
N VAL D 115 -34.31 19.78 17.77
CA VAL D 115 -35.44 19.05 18.33
C VAL D 115 -36.05 19.89 19.46
N SER D 116 -37.31 20.23 19.30
CA SER D 116 -37.89 21.30 20.09
C SER D 116 -39.42 21.25 20.06
N SER D 117 -40.01 21.26 21.25
CA SER D 117 -41.48 21.44 21.41
C SER D 117 -41.96 22.86 20.98
N ASP D 138 -17.67 4.01 29.75
CA ASP D 138 -17.01 4.62 28.56
C ASP D 138 -15.76 5.34 29.03
N VAL D 139 -14.75 5.46 28.16
CA VAL D 139 -13.51 6.21 28.54
C VAL D 139 -13.79 7.72 28.67
N VAL D 140 -13.53 8.30 29.83
CA VAL D 140 -13.66 9.76 29.97
C VAL D 140 -12.40 10.36 29.41
N MET D 141 -12.58 11.38 28.60
CA MET D 141 -11.49 12.14 28.02
C MET D 141 -11.51 13.56 28.62
N THR D 142 -10.41 13.96 29.24
CA THR D 142 -10.28 15.23 29.93
C THR D 142 -9.31 16.11 29.21
N GLN D 143 -9.59 17.39 29.09
CA GLN D 143 -8.62 18.30 28.50
C GLN D 143 -8.35 19.56 29.34
N THR D 144 -7.06 19.81 29.65
CA THR D 144 -6.58 20.99 30.36
C THR D 144 -5.66 21.84 29.45
N PRO D 145 -5.79 23.18 29.49
CA PRO D 145 -6.89 24.00 30.03
C PRO D 145 -8.08 23.93 29.08
N LEU D 146 -9.17 24.58 29.48
CA LEU D 146 -10.37 24.67 28.67
C LEU D 146 -10.30 25.73 27.60
N THR D 147 -9.55 26.78 27.92
CA THR D 147 -9.27 27.88 27.01
C THR D 147 -7.81 28.31 27.19
N LEU D 148 -7.10 28.46 26.07
CA LEU D 148 -5.74 29.00 26.10
C LEU D 148 -5.81 30.26 25.27
N SER D 149 -5.50 31.38 25.93
CA SER D 149 -5.32 32.63 25.20
C SER D 149 -3.85 32.91 25.09
N VAL D 150 -3.47 33.38 23.92
CA VAL D 150 -2.07 33.34 23.59
C VAL D 150 -1.72 34.51 22.70
N THR D 151 -0.42 34.78 22.58
CA THR D 151 -0.01 35.66 21.52
C THR D 151 0.81 34.98 20.42
N ILE D 152 0.56 35.44 19.20
CA ILE D 152 1.16 34.87 17.99
C ILE D 152 2.66 34.73 18.19
N GLY D 153 3.14 33.48 18.04
CA GLY D 153 4.57 33.11 18.20
C GLY D 153 4.93 32.53 19.55
N GLN D 154 3.96 32.59 20.46
CA GLN D 154 4.07 31.96 21.78
C GLN D 154 3.97 30.45 21.65
N PRO D 155 4.69 29.69 22.50
CA PRO D 155 4.49 28.25 22.62
C PRO D 155 3.23 27.90 23.40
N ALA D 156 2.60 26.78 23.01
CA ALA D 156 1.33 26.34 23.59
C ALA D 156 1.41 24.86 23.92
N SER D 157 0.66 24.50 24.98
CA SER D 157 0.62 23.15 25.51
C SER D 157 -0.75 22.78 26.08
N ILE D 158 -1.41 21.83 25.40
CA ILE D 158 -2.70 21.27 25.79
C ILE D 158 -2.56 19.86 26.24
N SER D 159 -3.09 19.55 27.41
CA SER D 159 -3.08 18.18 27.93
C SER D 159 -4.43 17.49 27.65
N CYS D 160 -4.39 16.19 27.43
CA CYS D 160 -5.59 15.38 27.27
C CYS D 160 -5.34 14.21 28.14
N LYS D 161 -6.31 13.86 28.98
CA LYS D 161 -6.17 12.76 29.93
C LYS D 161 -7.38 11.78 29.75
N SER D 162 -7.09 10.49 29.84
CA SER D 162 -8.09 9.47 29.67
C SER D 162 -8.23 8.68 30.96
N SER D 163 -9.35 7.96 31.07
CA SER D 163 -9.68 7.30 32.31
C SER D 163 -9.15 5.90 32.32
N GLN D 164 -8.78 5.41 31.14
CA GLN D 164 -8.10 4.11 30.98
C GLN D 164 -7.01 4.33 29.98
N SER D 165 -6.10 3.37 29.96
CA SER D 165 -5.00 3.37 29.02
C SER D 165 -5.59 3.20 27.64
N LEU D 166 -5.06 3.98 26.71
CA LEU D 166 -5.45 3.90 25.30
C LEU D 166 -4.54 2.94 24.53
N PHE D 167 -3.66 2.27 25.27
CA PHE D 167 -2.71 1.33 24.68
C PHE D 167 -3.43 0.07 24.31
N ASP D 168 -3.49 -0.21 23.02
CA ASP D 168 -4.21 -1.37 22.51
C ASP D 168 -3.34 -2.64 22.55
N THR D 169 -3.95 -3.81 22.38
CA THR D 169 -3.22 -5.08 22.13
C THR D 169 -2.43 -5.01 20.81
N ASP D 170 -3.06 -4.44 19.79
CA ASP D 170 -2.40 -3.84 18.62
C ASP D 170 -0.96 -3.39 18.86
N GLY D 171 -0.70 -2.95 20.10
CA GLY D 171 0.48 -2.16 20.40
C GLY D 171 0.36 -0.75 19.80
N LYS D 172 -0.75 -0.46 19.13
CA LYS D 172 -1.02 0.94 18.74
C LYS D 172 -1.76 1.67 19.86
N THR D 173 -1.62 2.98 19.88
CA THR D 173 -2.29 3.81 20.85
C THR D 173 -3.14 4.81 20.08
N TYR D 174 -4.44 4.52 20.00
CA TYR D 174 -5.38 5.26 19.16
C TYR D 174 -5.84 6.58 19.76
N LEU D 175 -4.86 7.42 20.09
CA LEU D 175 -5.09 8.83 20.42
C LEU D 175 -4.99 9.76 19.24
N THR D 176 -6.09 10.47 18.96
CA THR D 176 -6.15 11.36 17.83
C THR D 176 -6.50 12.80 18.26
N TRP D 177 -5.78 13.80 17.71
CA TRP D 177 -6.10 15.23 17.84
C TRP D 177 -6.74 15.80 16.57
N LEU D 178 -7.79 16.59 16.75
CA LEU D 178 -8.48 17.24 15.68
C LEU D 178 -8.43 18.68 16.10
N LEU D 179 -8.74 19.57 15.18
CA LEU D 179 -8.79 20.99 15.44
C LEU D 179 -9.92 21.49 14.60
N GLN D 180 -10.86 22.17 15.23
CA GLN D 180 -11.85 22.85 14.46
C GLN D 180 -11.54 24.33 14.46
N ARG D 181 -11.35 24.89 13.26
CA ARG D 181 -11.10 26.31 13.10
C ARG D 181 -12.47 27.00 13.00
N PRO D 182 -12.58 28.26 13.49
CA PRO D 182 -13.82 28.97 13.52
C PRO D 182 -14.38 28.91 12.14
N GLY D 183 -15.65 28.60 12.02
CA GLY D 183 -16.28 28.44 10.70
C GLY D 183 -16.05 27.09 10.03
N GLN D 184 -15.02 26.37 10.46
CA GLN D 184 -14.55 25.16 9.79
C GLN D 184 -15.12 23.87 10.46
N SER D 185 -15.20 22.81 9.66
CA SER D 185 -15.56 21.53 10.18
C SER D 185 -14.29 21.15 10.90
N PRO D 186 -14.34 20.15 11.78
CA PRO D 186 -13.09 19.64 12.38
C PRO D 186 -12.15 18.93 11.37
N LYS D 187 -10.85 18.87 11.69
CA LYS D 187 -9.89 18.18 10.83
C LYS D 187 -8.86 17.47 11.67
N ARG D 188 -8.44 16.31 11.19
CA ARG D 188 -7.43 15.53 11.85
C ARG D 188 -6.12 16.29 11.85
N LEU D 189 -5.41 16.29 12.95
CA LEU D 189 -4.08 16.88 12.96
C LEU D 189 -3.01 15.89 13.35
N ILE D 190 -3.32 15.07 14.34
CA ILE D 190 -2.37 14.12 14.87
C ILE D 190 -3.10 12.82 15.15
N TYR D 191 -2.47 11.72 14.79
CA TYR D 191 -3.02 10.40 15.01
C TYR D 191 -1.95 9.49 15.62
N LEU D 192 -2.38 8.40 16.23
CA LEU D 192 -1.46 7.51 16.87
C LEU D 192 -0.48 8.32 17.72
N VAL D 193 -1.02 9.23 18.54
CA VAL D 193 -0.25 10.00 19.55
C VAL D 193 0.69 11.07 18.99
N SER D 194 1.58 10.67 18.05
CA SER D 194 2.73 11.48 17.58
C SER D 194 2.77 11.74 16.08
N LYS D 195 2.03 10.97 15.28
CA LYS D 195 2.13 11.01 13.84
C LYS D 195 1.28 12.13 13.23
N LEU D 196 1.91 13.11 12.60
CA LEU D 196 1.20 14.20 11.91
C LEU D 196 0.41 13.81 10.66
N ALA D 197 -0.82 14.34 10.55
CA ALA D 197 -1.69 14.09 9.42
C ALA D 197 -1.16 14.93 8.28
N SER D 198 -1.74 14.81 7.10
CA SER D 198 -1.21 15.52 5.92
C SER D 198 -1.59 17.00 5.97
N GLY D 199 -0.72 17.83 5.38
CA GLY D 199 -0.91 19.28 5.44
C GLY D 199 -0.80 19.81 6.87
N VAL D 200 0.15 19.30 7.66
CA VAL D 200 0.29 19.71 9.05
C VAL D 200 1.75 20.04 9.36
N PRO D 201 2.06 21.30 9.74
CA PRO D 201 3.47 21.69 9.89
C PRO D 201 4.08 21.13 11.15
N ASP D 202 5.40 21.26 11.30
CA ASP D 202 6.12 20.66 12.43
C ASP D 202 6.13 21.53 13.67
N ARG D 203 5.58 22.74 13.56
CA ARG D 203 5.32 23.56 14.77
C ARG D 203 4.48 22.66 15.72
N PHE D 204 3.74 21.72 15.12
CA PHE D 204 2.98 20.67 15.83
C PHE D 204 3.72 19.42 16.26
N THR D 205 3.50 19.08 17.51
CA THR D 205 4.11 17.92 18.16
C THR D 205 3.22 17.27 19.28
N GLY D 206 2.82 16.02 19.05
CA GLY D 206 2.08 15.25 20.05
C GLY D 206 2.95 14.21 20.70
N SER D 207 2.71 13.98 21.99
CA SER D 207 3.50 13.07 22.78
C SER D 207 2.62 12.48 23.87
N GLY D 208 3.09 11.40 24.50
CA GLY D 208 2.38 10.79 25.61
C GLY D 208 2.22 9.29 25.52
N SER D 209 1.88 8.68 26.64
CA SER D 209 1.58 7.28 26.67
C SER D 209 0.60 7.01 27.80
N GLY D 210 -0.10 5.88 27.71
CA GLY D 210 -0.97 5.41 28.79
C GLY D 210 -2.25 6.21 28.82
N THR D 211 -2.37 7.07 29.82
CA THR D 211 -3.52 7.92 30.04
C THR D 211 -3.20 9.40 29.82
N ASP D 212 -1.95 9.72 29.52
CA ASP D 212 -1.51 11.13 29.50
C ASP D 212 -0.88 11.58 28.20
N PHE D 213 -1.44 12.62 27.59
CA PHE D 213 -1.09 12.99 26.24
C PHE D 213 -0.96 14.50 26.13
N THR D 214 -0.10 14.96 25.22
CA THR D 214 0.16 16.40 25.17
C THR D 214 0.34 16.87 23.75
N LEU D 215 -0.40 17.90 23.37
CA LEU D 215 -0.15 18.58 22.15
C LEU D 215 0.56 19.90 22.50
N LYS D 216 1.77 20.06 21.92
CA LYS D 216 2.55 21.30 21.99
C LYS D 216 2.63 21.97 20.61
N ILE D 217 2.21 23.22 20.55
CA ILE D 217 2.49 24.03 19.39
C ILE D 217 3.75 24.86 19.74
N SER D 218 4.89 24.62 19.08
CA SER D 218 6.02 25.58 19.25
C SER D 218 5.67 26.73 18.32
N ARG D 219 5.62 27.93 18.89
CA ARG D 219 5.18 29.14 18.21
C ARG D 219 3.84 29.07 17.45
N VAL D 220 2.80 29.65 18.06
CA VAL D 220 1.46 29.63 17.51
C VAL D 220 1.34 30.62 16.38
N GLU D 221 0.92 30.12 15.24
CA GLU D 221 0.50 30.95 14.13
C GLU D 221 -1.02 31.06 14.18
N ALA D 222 -1.58 31.89 13.32
CA ALA D 222 -2.99 32.29 13.34
C ALA D 222 -3.92 31.28 12.72
N GLU D 223 -3.38 30.16 12.23
CA GLU D 223 -4.22 29.09 11.73
C GLU D 223 -4.05 27.83 12.59
N ASP D 224 -3.60 28.10 13.80
CA ASP D 224 -3.58 27.17 14.87
C ASP D 224 -4.76 27.46 15.81
N LEU D 225 -5.33 28.66 15.68
CA LEU D 225 -6.49 29.04 16.52
C LEU D 225 -7.75 28.29 16.18
N GLY D 226 -8.31 27.62 17.16
CA GLY D 226 -9.67 27.10 17.07
C GLY D 226 -9.94 26.24 18.29
N VAL D 227 -10.69 25.17 18.12
CA VAL D 227 -10.88 24.24 19.25
C VAL D 227 -10.15 22.96 18.96
N TYR D 228 -9.31 22.55 19.89
CA TYR D 228 -8.67 21.26 19.85
C TYR D 228 -9.46 20.16 20.61
N TYR D 229 -9.60 19.00 19.97
CA TYR D 229 -10.23 17.83 20.60
C TYR D 229 -9.32 16.65 20.57
N CYS D 230 -9.19 15.91 21.68
CA CYS D 230 -8.65 14.54 21.59
C CYS D 230 -9.81 13.51 21.45
N LEU D 231 -9.47 12.30 21.01
CA LEU D 231 -10.40 11.28 20.55
C LEU D 231 -9.65 9.97 20.83
N GLN D 232 -10.27 9.05 21.58
CA GLN D 232 -9.76 7.70 21.63
C GLN D 232 -10.53 6.70 20.73
N GLY D 233 -9.80 5.73 20.17
CA GLY D 233 -10.34 4.79 19.20
C GLY D 233 -10.05 3.38 19.67
N THR D 234 -9.49 3.27 20.88
CA THR D 234 -9.07 1.96 21.43
C THR D 234 -10.22 1.16 22.02
N HIS D 235 -11.13 1.89 22.69
CA HIS D 235 -12.27 1.26 23.42
C HIS D 235 -13.62 1.70 22.83
N PHE D 236 -14.51 0.75 22.63
CA PHE D 236 -15.88 1.01 22.21
C PHE D 236 -16.68 1.54 23.46
N PRO D 237 -17.44 2.65 23.28
CA PRO D 237 -17.57 3.44 22.07
C PRO D 237 -16.54 4.56 22.01
N LEU D 238 -16.25 4.99 20.79
CA LEU D 238 -15.42 6.11 20.50
C LEU D 238 -15.84 7.29 21.39
N THR D 239 -14.88 7.93 22.08
CA THR D 239 -15.13 9.13 22.92
C THR D 239 -14.12 10.26 22.66
N PHE D 240 -14.59 11.47 22.90
CA PHE D 240 -13.96 12.77 22.61
C PHE D 240 -13.83 13.54 23.92
N GLY D 241 -12.74 14.32 24.03
CA GLY D 241 -12.56 15.24 25.13
C GLY D 241 -13.45 16.38 24.79
N ALA D 242 -13.82 17.15 25.81
CA ALA D 242 -14.73 18.27 25.64
C ALA D 242 -14.13 19.47 24.88
N GLY D 243 -12.82 19.53 24.80
CA GLY D 243 -12.20 20.55 23.97
C GLY D 243 -11.44 21.64 24.70
N THR D 244 -10.45 22.20 24.01
CA THR D 244 -9.69 23.38 24.49
C THR D 244 -9.78 24.46 23.43
N LYS D 245 -10.21 25.67 23.80
CA LYS D 245 -10.29 26.76 22.82
C LYS D 245 -8.95 27.50 22.73
N LEU D 246 -8.39 27.59 21.53
CA LEU D 246 -7.22 28.47 21.29
C LEU D 246 -7.71 29.78 20.77
N ASP D 247 -7.28 30.81 21.49
CA ASP D 247 -7.75 32.16 21.34
C ASP D 247 -6.52 33.03 21.45
N LEU D 248 -6.53 34.17 20.80
CA LEU D 248 -5.46 35.13 21.02
C LEU D 248 -5.83 36.16 22.07
N LYS D 249 -4.90 36.40 22.99
CA LYS D 249 -4.75 37.65 23.81
C LYS D 249 -4.30 37.39 25.24
#